data_1AH0
#
_entry.id   1AH0
#
_cell.length_a   67.920
_cell.length_b   67.920
_cell.length_c   152.800
_cell.angle_alpha   90.00
_cell.angle_beta   90.00
_cell.angle_gamma   90.00
#
_symmetry.space_group_name_H-M   'P 43 21 2'
#
loop_
_entity.id
_entity.type
_entity.pdbx_description
1 polymer 'ALDOSE REDUCTASE'
2 non-polymer 'NADP NICOTINAMIDE-ADENINE-DINUCLEOTIDE PHOSPHATE'
3 non-polymer SORBINIL
4 water water
#
_entity_poly.entity_id   1
_entity_poly.type   'polypeptide(L)'
_entity_poly.pdbx_seq_one_letter_code
;(ACE)ASHLVLYTGAKMPILGLGTWKSPPGKVTEAVKVAIDLGYRHIDCAHVYQNENEVGLGLQEKLQGQVVKREDLFIV
SKLWCTDHEKNLVKGACQTTLRDLKLDYLDLYLIHWPTGFKPGKDPFPLDGDGNVVPDESDFVETWEAMEELVDEGLVKA
IGVSNFNHLQVEKILNKPGLKYKPAVNQIEVHPYLTQEKLIEYCKSKGIVVTAYSPLGSPDRPWAKPEDPSLLEDPRIKA
IAAKYNKTTAQVLIRFPMQRNLIVIPKSVTPERIAENFQVFDFELSPEDMNTLLSYNRNWRVCALMSCASHKDYPFHEEY
;
_entity_poly.pdbx_strand_id   A
#
# COMPACT_ATOMS: atom_id res chain seq x y z
N ALA A 2 12.44 -13.57 -0.72
CA ALA A 2 12.93 -14.39 -1.84
C ALA A 2 12.63 -13.64 -3.14
N SER A 3 12.96 -12.34 -3.21
CA SER A 3 12.51 -11.41 -4.26
C SER A 3 10.98 -11.31 -4.26
N HIS A 4 10.34 -11.92 -3.25
CA HIS A 4 8.93 -12.04 -3.07
C HIS A 4 8.71 -12.62 -1.70
N LEU A 5 7.54 -12.38 -1.13
CA LEU A 5 7.11 -13.05 0.09
C LEU A 5 5.94 -13.91 -0.34
N VAL A 6 5.36 -14.78 0.47
CA VAL A 6 4.34 -15.70 0.00
C VAL A 6 3.20 -15.47 0.96
N LEU A 7 2.02 -15.36 0.40
CA LEU A 7 0.85 -15.07 1.20
C LEU A 7 0.35 -16.40 1.70
N TYR A 8 -0.51 -16.46 2.70
CA TYR A 8 -1.00 -17.72 3.21
C TYR A 8 -1.83 -18.55 2.22
N THR A 9 -2.15 -17.98 1.07
CA THR A 9 -2.94 -18.61 0.02
C THR A 9 -2.05 -19.46 -0.88
N GLY A 10 -0.78 -19.12 -0.82
CA GLY A 10 0.25 -19.72 -1.61
C GLY A 10 0.81 -18.69 -2.56
N ALA A 11 0.07 -17.60 -2.85
CA ALA A 11 0.48 -16.66 -3.87
C ALA A 11 1.77 -15.92 -3.62
N LYS A 12 2.62 -15.89 -4.62
CA LYS A 12 3.91 -15.25 -4.52
C LYS A 12 3.68 -13.77 -4.80
N MET A 13 3.92 -13.01 -3.75
CA MET A 13 3.76 -11.58 -3.81
C MET A 13 5.11 -10.93 -3.99
N PRO A 14 5.44 -10.34 -5.14
CA PRO A 14 6.67 -9.59 -5.41
C PRO A 14 6.98 -8.60 -4.31
N ILE A 15 8.24 -8.58 -3.89
CA ILE A 15 8.63 -7.77 -2.76
C ILE A 15 8.75 -6.29 -3.09
N LEU A 16 9.03 -5.90 -4.32
CA LEU A 16 9.10 -4.47 -4.66
C LEU A 16 7.94 -4.23 -5.60
N GLY A 17 7.33 -3.06 -5.52
CA GLY A 17 6.23 -2.73 -6.38
C GLY A 17 6.23 -1.26 -6.65
N LEU A 18 5.54 -0.87 -7.72
CA LEU A 18 5.45 0.54 -8.05
C LEU A 18 4.20 1.09 -7.37
N GLY A 19 4.36 2.22 -6.70
CA GLY A 19 3.27 2.90 -6.02
C GLY A 19 2.73 3.95 -6.96
N THR A 20 1.41 4.15 -6.99
CA THR A 20 0.85 5.09 -7.93
C THR A 20 0.09 6.28 -7.33
N TRP A 21 0.14 6.51 -6.00
CA TRP A 21 -0.50 7.69 -5.41
C TRP A 21 0.31 8.89 -5.80
N LYS A 22 -0.44 9.93 -6.17
CA LYS A 22 0.05 11.21 -6.66
C LYS A 22 0.62 11.06 -8.04
N SER A 23 0.57 9.87 -8.66
CA SER A 23 1.11 9.70 -10.00
C SER A 23 0.08 10.22 -10.98
N PRO A 24 0.29 11.38 -11.61
CA PRO A 24 -0.71 12.03 -12.43
C PRO A 24 -1.10 11.17 -13.64
N PRO A 25 -2.37 11.20 -14.09
CA PRO A 25 -2.88 10.38 -15.19
C PRO A 25 -2.04 10.35 -16.46
N GLY A 26 -1.63 11.50 -16.99
CA GLY A 26 -0.79 11.58 -18.18
C GLY A 26 0.66 11.14 -17.93
N LYS A 27 1.08 10.83 -16.70
CA LYS A 27 2.42 10.31 -16.46
C LYS A 27 2.45 8.85 -16.07
N VAL A 28 1.38 8.39 -15.41
CA VAL A 28 1.33 7.04 -14.87
C VAL A 28 1.28 5.96 -15.91
N THR A 29 0.76 6.17 -17.11
CA THR A 29 0.74 5.10 -18.09
C THR A 29 2.18 4.82 -18.50
N GLU A 30 2.96 5.87 -18.65
CA GLU A 30 4.35 5.68 -18.99
C GLU A 30 5.13 5.09 -17.83
N ALA A 31 4.95 5.55 -16.57
CA ALA A 31 5.62 4.97 -15.40
C ALA A 31 5.39 3.47 -15.24
N VAL A 32 4.14 3.02 -15.33
CA VAL A 32 3.78 1.62 -15.32
C VAL A 32 4.50 0.88 -16.43
N LYS A 33 4.50 1.42 -17.65
CA LYS A 33 5.17 0.77 -18.77
C LYS A 33 6.66 0.61 -18.55
N VAL A 34 7.32 1.68 -18.09
CA VAL A 34 8.75 1.68 -17.83
C VAL A 34 9.03 0.59 -16.80
N ALA A 35 8.25 0.59 -15.72
CA ALA A 35 8.41 -0.33 -14.61
C ALA A 35 8.34 -1.78 -15.02
N ILE A 36 7.36 -2.16 -15.83
CA ILE A 36 7.26 -3.53 -16.28
C ILE A 36 8.44 -3.83 -17.19
N ASP A 37 8.89 -2.90 -18.02
CA ASP A 37 10.10 -3.13 -18.80
C ASP A 37 11.34 -3.28 -17.91
N LEU A 38 11.36 -2.66 -16.74
CA LEU A 38 12.45 -2.80 -15.82
C LEU A 38 12.33 -4.08 -15.02
N GLY A 39 11.26 -4.86 -15.12
CA GLY A 39 11.15 -6.09 -14.34
C GLY A 39 10.16 -6.00 -13.18
N TYR A 40 9.60 -4.82 -12.86
CA TYR A 40 8.60 -4.71 -11.80
C TYR A 40 7.41 -5.55 -12.18
N ARG A 41 6.90 -6.37 -11.27
CA ARG A 41 5.75 -7.20 -11.59
C ARG A 41 4.63 -6.96 -10.61
N HIS A 42 4.72 -5.92 -9.79
CA HIS A 42 3.68 -5.67 -8.81
C HIS A 42 3.40 -4.19 -8.92
N ILE A 43 2.13 -3.82 -9.03
CA ILE A 43 1.73 -2.44 -9.15
C ILE A 43 0.72 -2.27 -8.03
N ASP A 44 0.86 -1.20 -7.27
CA ASP A 44 -0.06 -0.90 -6.19
C ASP A 44 -0.97 0.24 -6.66
N CYS A 45 -2.28 0.04 -6.65
CA CYS A 45 -3.22 0.99 -7.18
C CYS A 45 -4.32 1.23 -6.18
N ALA A 46 -5.23 2.15 -6.50
CA ALA A 46 -6.37 2.42 -5.66
C ALA A 46 -7.35 3.30 -6.39
N HIS A 47 -8.63 2.99 -6.21
CA HIS A 47 -9.66 3.79 -6.82
C HIS A 47 -9.46 5.27 -6.55
N VAL A 48 -9.15 5.64 -5.28
CA VAL A 48 -9.03 7.03 -4.88
C VAL A 48 -7.89 7.79 -5.51
N TYR A 49 -6.95 7.11 -6.16
CA TYR A 49 -5.83 7.80 -6.77
C TYR A 49 -6.26 8.42 -8.09
N GLN A 50 -7.46 8.10 -8.60
CA GLN A 50 -8.01 8.75 -9.80
C GLN A 50 -7.19 8.54 -11.07
N ASN A 51 -6.48 7.43 -11.12
CA ASN A 51 -5.61 7.11 -12.24
C ASN A 51 -5.65 5.63 -12.62
N GLU A 52 -6.63 4.86 -12.14
CA GLU A 52 -6.58 3.43 -12.43
C GLU A 52 -6.82 3.17 -13.89
N ASN A 53 -7.53 4.03 -14.59
CA ASN A 53 -7.75 3.87 -16.02
C ASN A 53 -6.43 3.92 -16.80
N GLU A 54 -5.61 4.87 -16.37
CA GLU A 54 -4.36 5.12 -17.01
C GLU A 54 -3.33 4.07 -16.61
N VAL A 55 -3.43 3.55 -15.38
CA VAL A 55 -2.60 2.41 -14.96
C VAL A 55 -3.04 1.25 -15.87
N GLY A 56 -4.36 1.10 -16.05
CA GLY A 56 -4.97 0.09 -16.88
C GLY A 56 -4.41 0.10 -18.29
N LEU A 57 -4.35 1.26 -18.95
CA LEU A 57 -3.74 1.41 -20.26
C LEU A 57 -2.30 0.90 -20.37
N GLY A 58 -1.42 1.21 -19.42
CA GLY A 58 -0.03 0.77 -19.41
C GLY A 58 0.09 -0.73 -19.30
N LEU A 59 -0.69 -1.31 -18.39
CA LEU A 59 -0.70 -2.76 -18.20
C LEU A 59 -1.16 -3.39 -19.50
N GLN A 60 -2.31 -2.96 -20.00
CA GLN A 60 -2.92 -3.47 -21.22
C GLN A 60 -1.94 -3.60 -22.35
N GLU A 61 -1.22 -2.52 -22.59
CA GLU A 61 -0.24 -2.45 -23.66
C GLU A 61 0.79 -3.54 -23.51
N LYS A 62 1.34 -3.68 -22.30
CA LYS A 62 2.32 -4.70 -21.99
C LYS A 62 1.78 -6.12 -22.10
N LEU A 63 0.50 -6.30 -21.79
CA LEU A 63 -0.14 -7.59 -21.86
C LEU A 63 -0.43 -7.99 -23.29
N GLN A 64 -0.95 -7.09 -24.13
CA GLN A 64 -1.22 -7.43 -25.52
C GLN A 64 0.06 -7.39 -26.31
N GLY A 65 1.03 -6.61 -25.84
CA GLY A 65 2.36 -6.58 -26.42
C GLY A 65 3.20 -7.77 -25.97
N GLN A 66 2.59 -8.71 -25.22
CA GLN A 66 3.20 -9.94 -24.74
C GLN A 66 4.50 -9.77 -23.97
N VAL A 67 4.71 -8.60 -23.36
CA VAL A 67 5.93 -8.33 -22.61
C VAL A 67 5.87 -9.02 -21.24
N VAL A 68 4.65 -9.32 -20.78
CA VAL A 68 4.38 -10.02 -19.52
C VAL A 68 3.10 -10.82 -19.72
N LYS A 69 2.85 -11.80 -18.86
CA LYS A 69 1.59 -12.55 -18.89
C LYS A 69 0.81 -12.13 -17.65
N ARG A 70 -0.52 -12.16 -17.64
CA ARG A 70 -1.32 -11.77 -16.49
C ARG A 70 -0.93 -12.50 -15.21
N GLU A 71 -0.54 -13.76 -15.34
CA GLU A 71 -0.15 -14.61 -14.21
C GLU A 71 1.15 -14.12 -13.59
N ASP A 72 1.93 -13.30 -14.29
CA ASP A 72 3.19 -12.79 -13.79
C ASP A 72 3.02 -11.43 -13.17
N LEU A 73 1.80 -10.92 -13.05
CA LEU A 73 1.59 -9.57 -12.62
C LEU A 73 0.88 -9.62 -11.27
N PHE A 74 1.23 -8.74 -10.34
CA PHE A 74 0.58 -8.69 -9.05
C PHE A 74 0.04 -7.26 -8.99
N ILE A 75 -1.22 -7.11 -9.32
CA ILE A 75 -1.92 -5.84 -9.30
C ILE A 75 -2.73 -5.77 -8.01
N VAL A 76 -2.47 -4.74 -7.22
CA VAL A 76 -3.19 -4.50 -5.99
C VAL A 76 -4.10 -3.29 -6.21
N SER A 77 -5.31 -3.31 -5.69
CA SER A 77 -6.08 -2.10 -5.66
C SER A 77 -6.77 -2.05 -4.31
N LYS A 78 -7.49 -0.97 -4.02
CA LYS A 78 -8.06 -0.73 -2.71
C LYS A 78 -9.48 -0.15 -2.73
N LEU A 79 -10.37 -0.73 -1.92
CA LEU A 79 -11.74 -0.29 -1.74
C LEU A 79 -11.74 1.02 -0.96
N TRP A 80 -12.25 2.13 -1.51
CA TRP A 80 -12.22 3.39 -0.80
C TRP A 80 -13.31 3.50 0.29
N CYS A 81 -13.10 4.43 1.22
CA CYS A 81 -13.94 4.63 2.38
C CYS A 81 -15.39 4.90 2.12
N THR A 82 -15.78 5.55 1.04
CA THR A 82 -17.21 5.75 0.73
C THR A 82 -17.87 4.48 0.22
N ASP A 83 -17.11 3.38 0.06
CA ASP A 83 -17.64 2.16 -0.53
C ASP A 83 -17.68 1.00 0.42
N HIS A 84 -17.64 1.30 1.72
CA HIS A 84 -17.63 0.30 2.77
C HIS A 84 -18.98 -0.34 3.06
N GLU A 85 -20.14 0.23 2.72
CA GLU A 85 -21.42 -0.44 2.95
C GLU A 85 -21.43 -1.75 2.17
N LYS A 86 -21.78 -2.89 2.77
CA LYS A 86 -21.72 -4.20 2.13
C LYS A 86 -22.11 -4.27 0.66
N ASN A 87 -23.26 -3.70 0.35
CA ASN A 87 -23.82 -3.62 -1.00
C ASN A 87 -23.02 -2.76 -1.99
N LEU A 88 -22.21 -1.83 -1.50
CA LEU A 88 -21.37 -1.01 -2.36
C LEU A 88 -20.04 -1.64 -2.73
N VAL A 89 -19.62 -2.71 -2.03
CA VAL A 89 -18.30 -3.30 -2.24
C VAL A 89 -18.05 -3.96 -3.60
N LYS A 90 -18.99 -4.75 -4.13
CA LYS A 90 -18.80 -5.44 -5.40
C LYS A 90 -18.71 -4.45 -6.53
N GLY A 91 -19.58 -3.43 -6.52
CA GLY A 91 -19.59 -2.36 -7.51
C GLY A 91 -18.28 -1.60 -7.54
N ALA A 92 -17.75 -1.28 -6.36
CA ALA A 92 -16.49 -0.56 -6.27
C ALA A 92 -15.37 -1.43 -6.82
N CYS A 93 -15.40 -2.75 -6.58
CA CYS A 93 -14.38 -3.61 -7.15
C CYS A 93 -14.55 -3.70 -8.67
N GLN A 94 -15.78 -3.81 -9.18
CA GLN A 94 -16.04 -3.92 -10.61
C GLN A 94 -15.61 -2.67 -11.37
N THR A 95 -15.83 -1.46 -10.86
CA THR A 95 -15.33 -0.26 -11.48
C THR A 95 -13.82 -0.34 -11.59
N THR A 96 -13.15 -0.73 -10.50
CA THR A 96 -11.71 -0.86 -10.48
C THR A 96 -11.22 -1.87 -11.52
N LEU A 97 -11.90 -3.02 -11.64
CA LEU A 97 -11.53 -4.03 -12.63
C LEU A 97 -11.70 -3.49 -14.03
N ARG A 98 -12.80 -2.77 -14.22
CA ARG A 98 -13.06 -2.18 -15.51
C ARG A 98 -12.00 -1.14 -15.82
N ASP A 99 -11.68 -0.20 -14.92
CA ASP A 99 -10.65 0.79 -15.21
C ASP A 99 -9.28 0.21 -15.40
N LEU A 100 -8.96 -0.87 -14.71
CA LEU A 100 -7.66 -1.50 -14.83
C LEU A 100 -7.66 -2.42 -16.06
N LYS A 101 -8.86 -2.68 -16.63
CA LYS A 101 -9.10 -3.54 -17.79
C LYS A 101 -8.60 -4.95 -17.45
N LEU A 102 -9.00 -5.43 -16.30
CA LEU A 102 -8.47 -6.67 -15.78
C LEU A 102 -9.64 -7.52 -15.36
N ASP A 103 -9.52 -8.83 -15.48
CA ASP A 103 -10.58 -9.73 -15.06
C ASP A 103 -10.57 -9.97 -13.56
N TYR A 104 -9.42 -9.93 -12.91
CA TYR A 104 -9.30 -10.13 -11.47
C TYR A 104 -8.20 -9.25 -10.94
N LEU A 105 -8.19 -9.08 -9.63
CA LEU A 105 -7.09 -8.42 -8.94
C LEU A 105 -6.37 -9.54 -8.17
N ASP A 106 -5.13 -9.28 -7.82
CA ASP A 106 -4.38 -10.22 -7.03
C ASP A 106 -4.61 -9.99 -5.55
N LEU A 107 -4.87 -8.73 -5.19
CA LEU A 107 -5.07 -8.34 -3.82
C LEU A 107 -5.99 -7.14 -3.86
N TYR A 108 -7.00 -7.15 -3.02
CA TYR A 108 -7.89 -6.02 -2.92
C TYR A 108 -7.87 -5.73 -1.43
N LEU A 109 -7.55 -4.48 -1.08
CA LEU A 109 -7.42 -4.11 0.31
C LEU A 109 -8.53 -3.16 0.74
N ILE A 110 -9.01 -3.26 1.99
CA ILE A 110 -9.91 -2.27 2.54
C ILE A 110 -8.91 -1.17 2.87
N HIS A 111 -9.08 -0.02 2.21
CA HIS A 111 -8.04 1.01 2.25
C HIS A 111 -7.77 1.63 3.61
N TRP A 112 -8.83 1.90 4.34
CA TRP A 112 -8.75 2.52 5.63
C TRP A 112 -9.84 1.83 6.39
N PRO A 113 -9.75 1.69 7.70
CA PRO A 113 -10.83 1.13 8.51
C PRO A 113 -12.05 2.02 8.55
N THR A 114 -11.83 3.32 8.33
CA THR A 114 -12.84 4.34 8.32
C THR A 114 -13.78 4.30 7.13
N GLY A 115 -15.06 4.04 7.32
CA GLY A 115 -16.03 4.18 6.25
C GLY A 115 -16.65 5.55 6.32
N PHE A 116 -16.74 6.22 5.18
CA PHE A 116 -17.27 7.57 5.08
C PHE A 116 -18.61 7.46 4.42
N LYS A 117 -19.39 8.53 4.58
CA LYS A 117 -20.68 8.65 3.94
C LYS A 117 -20.51 8.41 2.43
N PRO A 118 -21.23 7.44 1.88
CA PRO A 118 -21.22 7.14 0.47
C PRO A 118 -21.65 8.32 -0.39
N GLY A 119 -21.04 8.33 -1.56
CA GLY A 119 -21.30 9.36 -2.55
C GLY A 119 -20.06 9.51 -3.38
N LYS A 120 -20.10 10.48 -4.29
CA LYS A 120 -19.01 10.71 -5.21
C LYS A 120 -17.86 11.43 -4.56
N ASP A 121 -18.09 12.19 -3.50
CA ASP A 121 -17.01 12.93 -2.89
C ASP A 121 -16.24 11.90 -2.07
N PRO A 122 -14.97 11.67 -2.33
CA PRO A 122 -14.15 10.72 -1.57
C PRO A 122 -13.98 11.05 -0.08
N PHE A 123 -14.12 12.33 0.31
CA PHE A 123 -14.02 12.80 1.68
C PHE A 123 -15.20 13.74 1.92
N PRO A 124 -16.41 13.24 2.22
CA PRO A 124 -17.59 14.04 2.57
C PRO A 124 -17.31 14.84 3.81
N LEU A 125 -17.20 16.15 3.78
CA LEU A 125 -16.85 16.90 4.97
C LEU A 125 -18.07 17.59 5.57
N ASP A 126 -18.14 17.74 6.89
CA ASP A 126 -19.24 18.49 7.49
C ASP A 126 -18.82 19.95 7.66
N GLY A 127 -19.70 20.81 8.20
CA GLY A 127 -19.40 22.22 8.44
C GLY A 127 -18.14 22.47 9.27
N ASP A 128 -17.82 21.56 10.19
CA ASP A 128 -16.63 21.69 11.04
C ASP A 128 -15.36 21.26 10.30
N GLY A 129 -15.49 20.68 9.10
CA GLY A 129 -14.36 20.18 8.32
C GLY A 129 -14.00 18.73 8.65
N ASN A 130 -14.73 18.09 9.55
CA ASN A 130 -14.54 16.68 9.89
C ASN A 130 -15.08 15.86 8.74
N VAL A 131 -14.58 14.64 8.51
CA VAL A 131 -15.17 13.78 7.49
C VAL A 131 -16.42 13.15 8.10
N VAL A 132 -17.45 12.89 7.31
CA VAL A 132 -18.71 12.33 7.74
C VAL A 132 -18.58 10.81 7.67
N PRO A 133 -18.81 10.12 8.79
CA PRO A 133 -18.90 8.67 8.89
C PRO A 133 -20.10 8.06 8.21
N ASP A 134 -20.28 6.76 8.33
CA ASP A 134 -21.41 6.09 7.75
C ASP A 134 -21.82 5.00 8.72
N GLU A 135 -22.99 4.40 8.48
CA GLU A 135 -23.43 3.30 9.28
C GLU A 135 -22.76 1.98 8.86
N SER A 136 -21.44 1.80 8.99
CA SER A 136 -20.87 0.49 8.74
C SER A 136 -19.68 0.23 9.67
N ASP A 137 -19.44 -1.07 9.84
CA ASP A 137 -18.34 -1.57 10.62
C ASP A 137 -17.53 -2.31 9.59
N PHE A 138 -16.20 -2.25 9.63
CA PHE A 138 -15.40 -2.94 8.64
C PHE A 138 -15.56 -4.46 8.65
N VAL A 139 -16.10 -5.05 9.71
CA VAL A 139 -16.40 -6.48 9.77
C VAL A 139 -17.46 -6.79 8.71
N GLU A 140 -18.50 -5.96 8.52
CA GLU A 140 -19.49 -6.18 7.46
C GLU A 140 -18.86 -5.99 6.08
N THR A 141 -18.03 -4.96 5.89
CA THR A 141 -17.30 -4.70 4.65
C THR A 141 -16.53 -5.97 4.32
N TRP A 142 -15.81 -6.52 5.32
CA TRP A 142 -15.00 -7.71 5.15
C TRP A 142 -15.85 -8.83 4.60
N GLU A 143 -17.07 -9.05 5.12
CA GLU A 143 -17.96 -10.07 4.61
C GLU A 143 -18.25 -9.90 3.16
N ALA A 144 -18.34 -8.67 2.68
CA ALA A 144 -18.55 -8.45 1.26
C ALA A 144 -17.25 -8.66 0.48
N MET A 145 -16.09 -8.31 1.05
CA MET A 145 -14.78 -8.56 0.47
C MET A 145 -14.55 -10.05 0.25
N GLU A 146 -15.05 -10.89 1.16
CA GLU A 146 -14.91 -12.34 1.02
C GLU A 146 -15.69 -12.87 -0.16
N GLU A 147 -16.84 -12.25 -0.43
CA GLU A 147 -17.64 -12.61 -1.58
C GLU A 147 -16.82 -12.38 -2.83
N LEU A 148 -15.98 -11.34 -2.90
CA LEU A 148 -15.18 -11.14 -4.10
C LEU A 148 -14.25 -12.33 -4.37
N VAL A 149 -13.65 -12.93 -3.32
CA VAL A 149 -12.79 -14.11 -3.44
C VAL A 149 -13.66 -15.25 -4.00
N ASP A 150 -14.81 -15.52 -3.39
CA ASP A 150 -15.71 -16.56 -3.85
C ASP A 150 -16.14 -16.48 -5.29
N GLU A 151 -16.28 -15.25 -5.80
CA GLU A 151 -16.67 -15.06 -7.19
C GLU A 151 -15.47 -14.98 -8.11
N GLY A 152 -14.27 -15.01 -7.55
CA GLY A 152 -13.07 -15.04 -8.35
C GLY A 152 -12.67 -13.69 -8.85
N LEU A 153 -13.22 -12.60 -8.30
CA LEU A 153 -12.87 -11.26 -8.76
C LEU A 153 -11.53 -10.85 -8.22
N VAL A 154 -11.18 -11.33 -7.03
CA VAL A 154 -9.88 -11.03 -6.45
C VAL A 154 -9.32 -12.35 -5.95
N LYS A 155 -8.00 -12.52 -6.02
CA LYS A 155 -7.32 -13.73 -5.55
C LYS A 155 -7.02 -13.72 -4.05
N ALA A 156 -6.99 -12.55 -3.43
CA ALA A 156 -6.72 -12.44 -2.00
C ALA A 156 -7.30 -11.12 -1.53
N ILE A 157 -7.60 -10.99 -0.24
CA ILE A 157 -8.08 -9.75 0.32
C ILE A 157 -7.24 -9.41 1.53
N GLY A 158 -7.09 -8.12 1.81
CA GLY A 158 -6.30 -7.66 2.93
C GLY A 158 -6.87 -6.33 3.42
N VAL A 159 -6.09 -5.66 4.27
CA VAL A 159 -6.52 -4.41 4.83
C VAL A 159 -5.35 -3.48 4.73
N SER A 160 -5.57 -2.23 5.05
CA SER A 160 -4.52 -1.25 4.98
C SER A 160 -4.85 -0.31 6.13
N ASN A 161 -3.80 0.15 6.83
CA ASN A 161 -3.90 1.07 7.95
C ASN A 161 -4.79 0.53 9.05
N PHE A 162 -4.75 -0.77 9.32
CA PHE A 162 -5.55 -1.30 10.40
C PHE A 162 -4.62 -1.42 11.60
N ASN A 163 -5.09 -1.07 12.78
CA ASN A 163 -4.27 -1.28 13.96
C ASN A 163 -4.51 -2.72 14.40
N HIS A 164 -3.65 -3.27 15.26
CA HIS A 164 -3.71 -4.68 15.60
C HIS A 164 -5.05 -5.10 16.19
N LEU A 165 -5.79 -4.17 16.82
CA LEU A 165 -7.06 -4.52 17.42
C LEU A 165 -8.15 -4.59 16.36
N GLN A 166 -7.96 -3.85 15.27
CA GLN A 166 -8.91 -3.90 14.16
C GLN A 166 -8.68 -5.19 13.40
N VAL A 167 -7.42 -5.61 13.17
CA VAL A 167 -7.16 -6.90 12.53
C VAL A 167 -7.77 -8.03 13.38
N GLU A 168 -7.60 -7.97 14.70
CA GLU A 168 -8.18 -8.91 15.65
C GLU A 168 -9.67 -9.07 15.52
N LYS A 169 -10.37 -7.96 15.39
CA LYS A 169 -11.82 -7.98 15.26
C LYS A 169 -12.26 -8.80 14.03
N ILE A 170 -11.47 -8.76 12.96
CA ILE A 170 -11.70 -9.55 11.76
C ILE A 170 -11.35 -11.00 12.09
N LEU A 171 -10.16 -11.27 12.62
CA LEU A 171 -9.71 -12.62 12.94
C LEU A 171 -10.64 -13.35 13.91
N ASN A 172 -11.29 -12.62 14.81
CA ASN A 172 -12.20 -13.24 15.74
C ASN A 172 -13.63 -13.15 15.23
N LYS A 173 -13.85 -12.90 13.94
CA LYS A 173 -15.19 -12.74 13.39
C LYS A 173 -15.89 -14.08 13.33
N PRO A 174 -17.07 -14.24 13.92
CA PRO A 174 -17.88 -15.44 13.77
C PRO A 174 -18.19 -15.72 12.29
N GLY A 175 -17.76 -16.87 11.80
CA GLY A 175 -18.03 -17.23 10.42
C GLY A 175 -16.98 -16.66 9.49
N LEU A 176 -15.77 -16.34 9.97
CA LEU A 176 -14.73 -15.84 9.09
C LEU A 176 -14.38 -16.85 8.00
N LYS A 177 -14.47 -16.44 6.74
CA LYS A 177 -14.05 -17.30 5.65
C LYS A 177 -12.59 -17.06 5.32
N TYR A 178 -12.11 -15.83 5.16
CA TYR A 178 -10.73 -15.59 4.73
C TYR A 178 -10.14 -14.54 5.63
N LYS A 179 -8.86 -14.69 5.99
CA LYS A 179 -8.17 -13.74 6.85
C LYS A 179 -7.64 -12.61 5.98
N PRO A 180 -7.29 -11.43 6.50
CA PRO A 180 -6.41 -10.51 5.80
C PRO A 180 -5.13 -11.25 5.45
N ALA A 181 -4.77 -11.17 4.17
CA ALA A 181 -3.52 -11.75 3.71
C ALA A 181 -2.39 -10.73 3.79
N VAL A 182 -2.74 -9.43 3.84
CA VAL A 182 -1.82 -8.30 3.84
C VAL A 182 -2.36 -7.20 4.76
N ASN A 183 -1.47 -6.42 5.36
CA ASN A 183 -1.83 -5.21 6.07
C ASN A 183 -0.82 -4.26 5.49
N GLN A 184 -1.28 -3.33 4.66
CA GLN A 184 -0.37 -2.36 4.07
C GLN A 184 -0.37 -1.14 5.00
N ILE A 185 0.78 -0.80 5.57
CA ILE A 185 0.84 0.26 6.56
C ILE A 185 2.04 1.13 6.27
N GLU A 186 2.08 2.31 6.87
CA GLU A 186 3.16 3.26 6.67
C GLU A 186 4.40 2.79 7.43
N VAL A 187 5.52 2.55 6.76
CA VAL A 187 6.71 2.10 7.44
C VAL A 187 7.87 2.86 6.82
N HIS A 188 8.82 3.35 7.62
CA HIS A 188 10.02 4.06 7.17
C HIS A 188 10.88 4.34 8.40
N PRO A 189 12.18 4.69 8.47
CA PRO A 189 12.95 4.93 9.71
C PRO A 189 12.28 5.77 10.77
N TYR A 190 11.51 6.79 10.41
CA TYR A 190 10.83 7.60 11.40
C TYR A 190 9.55 6.99 11.95
N LEU A 191 9.17 5.78 11.51
CA LEU A 191 7.95 5.08 11.93
C LEU A 191 8.25 3.63 11.52
N THR A 192 8.98 2.97 12.40
CA THR A 192 9.50 1.64 12.13
C THR A 192 8.51 0.54 12.41
N GLN A 193 7.50 0.79 13.23
CA GLN A 193 6.40 -0.14 13.35
C GLN A 193 6.69 -1.59 13.70
N GLU A 194 7.83 -1.86 14.34
CA GLU A 194 8.20 -3.23 14.65
C GLU A 194 7.16 -3.97 15.46
N LYS A 195 6.37 -3.28 16.28
CA LYS A 195 5.33 -3.94 17.04
C LYS A 195 4.16 -4.35 16.14
N LEU A 196 3.67 -3.54 15.18
CA LEU A 196 2.55 -3.95 14.33
C LEU A 196 3.01 -5.02 13.35
N ILE A 197 4.23 -4.85 12.84
CA ILE A 197 4.83 -5.81 11.93
C ILE A 197 4.88 -7.17 12.62
N GLU A 198 5.36 -7.21 13.86
CA GLU A 198 5.47 -8.43 14.64
C GLU A 198 4.12 -9.09 14.87
N TYR A 199 3.12 -8.29 15.25
CA TYR A 199 1.77 -8.78 15.39
C TYR A 199 1.29 -9.40 14.07
N CYS A 200 1.43 -8.72 12.91
CA CYS A 200 0.92 -9.24 11.63
C CYS A 200 1.62 -10.51 11.25
N LYS A 201 2.93 -10.50 11.43
CA LYS A 201 3.69 -11.69 11.20
C LYS A 201 3.25 -12.79 12.15
N SER A 202 2.95 -12.60 13.44
CA SER A 202 2.53 -13.72 14.26
C SER A 202 1.23 -14.32 13.73
N LYS A 203 0.42 -13.49 13.12
CA LYS A 203 -0.84 -13.96 12.57
C LYS A 203 -0.71 -14.50 11.14
N GLY A 204 0.44 -14.34 10.46
CA GLY A 204 0.67 -14.85 9.11
C GLY A 204 0.14 -13.91 8.02
N ILE A 205 0.16 -12.61 8.32
CA ILE A 205 -0.36 -11.56 7.45
C ILE A 205 0.87 -10.83 6.94
N VAL A 206 1.09 -10.76 5.62
CA VAL A 206 2.26 -10.08 5.08
C VAL A 206 2.07 -8.56 5.26
N VAL A 207 3.16 -7.86 5.50
CA VAL A 207 3.11 -6.42 5.63
C VAL A 207 3.72 -5.78 4.40
N THR A 208 3.07 -4.74 3.90
CA THR A 208 3.58 -3.95 2.80
C THR A 208 3.80 -2.60 3.45
N ALA A 209 4.97 -2.03 3.21
CA ALA A 209 5.38 -0.75 3.74
C ALA A 209 5.11 0.29 2.67
N TYR A 210 4.20 1.21 2.94
CA TYR A 210 3.96 2.27 2.00
C TYR A 210 4.76 3.46 2.47
N SER A 211 4.97 4.41 1.56
CA SER A 211 5.82 5.56 1.79
C SER A 211 7.22 5.28 2.38
N PRO A 212 8.02 4.37 1.79
CA PRO A 212 9.37 4.06 2.22
C PRO A 212 10.32 5.26 2.24
N LEU A 213 10.03 6.28 1.43
CA LEU A 213 10.85 7.49 1.30
C LEU A 213 10.21 8.68 2.01
N GLY A 214 9.23 8.38 2.85
CA GLY A 214 8.54 9.38 3.66
C GLY A 214 7.73 10.40 2.87
N SER A 215 7.26 10.03 1.67
CA SER A 215 6.43 10.90 0.85
C SER A 215 6.82 12.37 0.66
N PRO A 216 7.99 12.71 0.11
CA PRO A 216 8.40 14.08 -0.17
C PRO A 216 7.36 14.96 -0.84
N ASP A 217 6.55 14.32 -1.69
CA ASP A 217 5.50 15.00 -2.44
C ASP A 217 4.11 14.96 -1.83
N ARG A 218 3.93 14.60 -0.55
CA ARG A 218 2.61 14.58 0.04
C ARG A 218 2.08 16.01 0.03
N PRO A 219 0.84 16.30 -0.34
CA PRO A 219 0.35 17.67 -0.53
C PRO A 219 0.56 18.61 0.66
N TRP A 220 0.54 18.04 1.85
CA TRP A 220 0.68 18.78 3.08
C TRP A 220 2.12 18.93 3.57
N ALA A 221 3.16 18.74 2.74
CA ALA A 221 4.54 18.84 3.18
C ALA A 221 5.01 20.29 3.41
N LYS A 222 4.58 20.79 4.55
CA LYS A 222 4.88 22.14 4.99
C LYS A 222 6.37 22.22 5.33
N PRO A 223 7.19 23.07 4.72
CA PRO A 223 8.64 22.94 4.63
C PRO A 223 9.49 22.47 5.82
N GLU A 224 8.98 22.63 7.03
CA GLU A 224 9.67 22.27 8.27
C GLU A 224 9.27 20.85 8.68
N ASP A 225 9.22 19.99 7.67
CA ASP A 225 8.86 18.59 7.82
C ASP A 225 10.17 17.81 7.67
N PRO A 226 10.53 16.88 8.55
CA PRO A 226 11.77 16.12 8.42
C PRO A 226 11.83 15.33 7.12
N SER A 227 12.86 15.51 6.30
CA SER A 227 12.94 14.80 5.05
C SER A 227 13.92 13.65 5.20
N LEU A 228 13.41 12.43 4.95
CA LEU A 228 14.21 11.21 5.02
C LEU A 228 15.24 11.17 3.91
N LEU A 229 14.93 11.73 2.75
CA LEU A 229 15.87 11.70 1.63
C LEU A 229 17.03 12.68 1.80
N GLU A 230 16.71 13.81 2.46
CA GLU A 230 17.72 14.81 2.76
C GLU A 230 18.28 14.60 4.17
N ASP A 231 18.01 13.48 4.82
CA ASP A 231 18.49 13.23 6.17
C ASP A 231 19.95 12.80 6.12
N PRO A 232 20.86 13.64 6.59
CA PRO A 232 22.31 13.46 6.47
C PRO A 232 22.81 12.07 6.93
N ARG A 233 22.11 11.55 7.93
CA ARG A 233 22.40 10.25 8.53
C ARG A 233 22.22 9.10 7.54
N ILE A 234 21.06 9.09 6.85
CA ILE A 234 20.79 8.02 5.88
C ILE A 234 21.69 8.25 4.67
N LYS A 235 21.96 9.51 4.34
CA LYS A 235 22.84 9.84 3.25
C LYS A 235 24.26 9.30 3.50
N ALA A 236 24.70 9.28 4.76
CA ALA A 236 26.00 8.72 5.15
C ALA A 236 26.04 7.21 5.02
N ILE A 237 25.02 6.52 5.55
CA ILE A 237 24.97 5.07 5.44
C ILE A 237 24.80 4.70 3.95
N ALA A 238 24.15 5.53 3.15
CA ALA A 238 24.01 5.32 1.72
C ALA A 238 25.39 5.37 1.05
N ALA A 239 26.15 6.40 1.44
CA ALA A 239 27.51 6.59 0.97
C ALA A 239 28.34 5.34 1.17
N LYS A 240 28.29 4.70 2.36
CA LYS A 240 29.01 3.46 2.62
C LYS A 240 28.79 2.35 1.59
N TYR A 241 27.65 2.40 0.92
CA TYR A 241 27.31 1.41 -0.08
C TYR A 241 27.44 1.92 -1.51
N ASN A 242 27.59 3.24 -1.67
CA ASN A 242 27.64 3.92 -2.97
C ASN A 242 26.34 3.55 -3.70
N LYS A 243 25.31 3.98 -3.00
CA LYS A 243 23.91 3.77 -3.31
C LYS A 243 23.23 5.09 -2.92
N THR A 244 22.00 5.41 -3.31
CA THR A 244 21.40 6.67 -2.88
C THR A 244 20.62 6.47 -1.59
N THR A 245 20.22 7.55 -0.90
CA THR A 245 19.35 7.51 0.28
C THR A 245 18.16 6.62 -0.06
N ALA A 246 17.50 6.94 -1.19
CA ALA A 246 16.37 6.23 -1.73
C ALA A 246 16.57 4.71 -1.81
N GLN A 247 17.62 4.24 -2.50
CA GLN A 247 17.91 2.82 -2.58
C GLN A 247 18.09 2.19 -1.21
N VAL A 248 18.69 2.91 -0.25
CA VAL A 248 18.89 2.39 1.09
C VAL A 248 17.55 2.26 1.83
N LEU A 249 16.72 3.30 1.71
CA LEU A 249 15.42 3.33 2.37
C LEU A 249 14.47 2.30 1.79
N ILE A 250 14.72 1.85 0.55
CA ILE A 250 13.93 0.77 -0.03
C ILE A 250 14.47 -0.57 0.44
N ARG A 251 15.78 -0.73 0.51
CA ARG A 251 16.37 -1.99 0.97
C ARG A 251 15.97 -2.36 2.39
N PHE A 252 15.94 -1.34 3.26
CA PHE A 252 15.52 -1.48 4.64
C PHE A 252 14.24 -2.31 4.84
N PRO A 253 12.99 -2.04 4.40
CA PRO A 253 11.82 -2.89 4.62
C PRO A 253 11.97 -4.25 4.02
N MET A 254 12.62 -4.36 2.87
CA MET A 254 12.87 -5.65 2.24
C MET A 254 13.63 -6.54 3.22
N GLN A 255 14.69 -5.98 3.78
CA GLN A 255 15.49 -6.66 4.76
C GLN A 255 14.73 -7.02 6.01
N ARG A 256 13.66 -6.29 6.30
CA ARG A 256 12.81 -6.65 7.42
C ARG A 256 11.70 -7.60 6.99
N ASN A 257 11.77 -8.19 5.79
CA ASN A 257 10.72 -9.03 5.22
C ASN A 257 9.40 -8.31 5.09
N LEU A 258 9.48 -7.11 4.53
CA LEU A 258 8.31 -6.30 4.28
C LEU A 258 8.32 -5.97 2.80
N ILE A 259 7.15 -6.00 2.16
CA ILE A 259 6.99 -5.66 0.75
C ILE A 259 7.18 -4.15 0.65
N VAL A 260 7.98 -3.57 -0.26
CA VAL A 260 8.03 -2.13 -0.42
C VAL A 260 7.35 -1.72 -1.72
N ILE A 261 6.64 -0.58 -1.72
CA ILE A 261 6.01 -0.06 -2.92
C ILE A 261 6.39 1.41 -3.17
N PRO A 262 7.63 1.77 -3.53
CA PRO A 262 8.01 3.15 -3.77
C PRO A 262 7.34 3.76 -5.02
N LYS A 263 6.92 5.03 -4.90
CA LYS A 263 6.24 5.70 -5.98
C LYS A 263 7.18 6.57 -6.78
N SER A 264 7.18 6.41 -8.09
CA SER A 264 7.91 7.31 -8.93
C SER A 264 7.36 7.23 -10.33
N VAL A 265 7.15 8.43 -10.84
CA VAL A 265 6.74 8.62 -12.21
C VAL A 265 7.95 9.03 -13.03
N THR A 266 9.14 9.14 -12.44
CA THR A 266 10.31 9.55 -13.17
C THR A 266 11.03 8.31 -13.68
N PRO A 267 11.22 8.01 -14.99
CA PRO A 267 11.86 6.79 -15.50
C PRO A 267 13.15 6.37 -14.81
N GLU A 268 14.03 7.35 -14.63
CA GLU A 268 15.32 7.13 -14.01
C GLU A 268 15.22 6.68 -12.57
N ARG A 269 14.32 7.29 -11.80
CA ARG A 269 14.17 6.91 -10.40
C ARG A 269 13.44 5.59 -10.32
N ILE A 270 12.57 5.23 -11.26
CA ILE A 270 11.93 3.92 -11.27
C ILE A 270 13.03 2.87 -11.47
N ALA A 271 13.98 3.06 -12.39
CA ALA A 271 15.10 2.14 -12.56
C ALA A 271 15.95 2.03 -11.30
N GLU A 272 16.34 3.17 -10.74
CA GLU A 272 17.09 3.27 -9.50
C GLU A 272 16.45 2.43 -8.39
N ASN A 273 15.14 2.62 -8.19
CA ASN A 273 14.39 1.94 -7.16
C ASN A 273 14.26 0.44 -7.34
N PHE A 274 14.51 -0.06 -8.55
CA PHE A 274 14.53 -1.49 -8.79
C PHE A 274 15.94 -2.00 -8.54
N GLN A 275 16.96 -1.13 -8.61
CA GLN A 275 18.34 -1.50 -8.37
C GLN A 275 18.72 -1.51 -6.89
N VAL A 276 18.04 -2.40 -6.16
CA VAL A 276 18.23 -2.56 -4.74
C VAL A 276 18.54 -4.00 -4.41
N PHE A 277 18.22 -4.98 -5.25
CA PHE A 277 18.45 -6.39 -4.95
C PHE A 277 19.93 -6.81 -5.16
N ASP A 278 20.91 -5.92 -5.05
CA ASP A 278 22.29 -6.26 -5.36
C ASP A 278 23.25 -6.04 -4.19
N PHE A 279 22.71 -5.81 -3.00
CA PHE A 279 23.51 -5.60 -1.81
C PHE A 279 22.64 -5.97 -0.61
N GLU A 280 23.18 -5.87 0.61
CA GLU A 280 22.49 -6.18 1.86
C GLU A 280 23.08 -5.15 2.81
N LEU A 281 22.27 -4.55 3.68
CA LEU A 281 22.72 -3.61 4.67
C LEU A 281 23.23 -4.40 5.85
N SER A 282 24.45 -4.08 6.27
CA SER A 282 25.07 -4.70 7.40
C SER A 282 24.25 -4.45 8.66
N PRO A 283 24.07 -5.44 9.53
CA PRO A 283 23.09 -5.42 10.62
C PRO A 283 23.19 -4.21 11.53
N GLU A 284 24.39 -3.63 11.68
CA GLU A 284 24.58 -2.41 12.49
C GLU A 284 23.75 -1.31 11.86
N ASP A 285 23.89 -1.14 10.54
CA ASP A 285 23.21 -0.10 9.81
C ASP A 285 21.70 -0.28 9.89
N MET A 286 21.27 -1.54 9.86
CA MET A 286 19.86 -1.87 10.04
C MET A 286 19.39 -1.35 11.40
N ASN A 287 20.21 -1.60 12.44
CA ASN A 287 19.90 -1.15 13.79
C ASN A 287 19.92 0.36 13.86
N THR A 288 20.80 1.04 13.13
CA THR A 288 20.87 2.50 13.12
C THR A 288 19.51 3.03 12.69
N LEU A 289 19.12 2.61 11.49
CA LEU A 289 17.90 3.03 10.84
C LEU A 289 16.70 2.80 11.75
N LEU A 290 16.56 1.59 12.29
CA LEU A 290 15.49 1.30 13.22
C LEU A 290 15.36 2.26 14.40
N SER A 291 16.52 2.77 14.86
CA SER A 291 16.55 3.66 16.01
C SER A 291 15.96 5.04 15.76
N TYR A 292 15.81 5.45 14.50
CA TYR A 292 15.26 6.76 14.20
C TYR A 292 13.78 6.88 14.46
N ASN A 293 13.12 5.81 14.92
CA ASN A 293 11.70 5.81 15.17
C ASN A 293 11.22 6.93 16.03
N ARG A 294 10.79 7.95 15.32
CA ARG A 294 10.22 9.13 15.91
C ARG A 294 8.71 8.94 16.01
N ASN A 295 8.14 7.81 15.57
CA ASN A 295 6.69 7.59 15.49
C ASN A 295 6.01 8.64 14.64
N TRP A 296 6.78 9.18 13.70
CA TRP A 296 6.33 10.23 12.82
C TRP A 296 5.60 9.68 11.62
N ARG A 297 4.33 10.07 11.61
CA ARG A 297 3.40 9.73 10.57
C ARG A 297 3.16 10.88 9.61
N VAL A 298 3.47 10.53 8.39
CA VAL A 298 3.16 11.28 7.20
C VAL A 298 1.66 11.14 6.82
N CYS A 299 1.06 9.94 6.84
CA CYS A 299 -0.35 9.79 6.51
C CYS A 299 -1.09 9.51 7.80
N ALA A 300 -1.58 10.57 8.43
CA ALA A 300 -2.28 10.42 9.68
C ALA A 300 -3.80 10.51 9.56
N LEU A 301 -4.30 11.00 8.41
CA LEU A 301 -5.73 11.17 8.15
C LEU A 301 -6.47 11.86 9.32
N MET A 302 -5.81 12.94 9.75
CA MET A 302 -6.23 13.77 10.87
C MET A 302 -7.67 14.21 10.78
N SER A 303 -8.17 14.44 9.57
CA SER A 303 -9.56 14.84 9.35
C SER A 303 -10.62 13.85 9.83
N CYS A 304 -10.17 12.62 10.05
CA CYS A 304 -11.02 11.53 10.47
C CYS A 304 -10.68 11.07 11.88
N ALA A 305 -9.87 11.84 12.62
CA ALA A 305 -9.43 11.51 13.97
C ALA A 305 -10.53 11.20 14.97
N SER A 306 -11.74 11.72 14.77
CA SER A 306 -12.83 11.45 15.68
C SER A 306 -13.69 10.32 15.18
N HIS A 307 -13.31 9.65 14.09
CA HIS A 307 -14.12 8.56 13.59
C HIS A 307 -13.93 7.40 14.57
N LYS A 308 -15.04 6.73 14.88
CA LYS A 308 -15.04 5.55 15.74
C LYS A 308 -14.00 4.50 15.41
N ASP A 309 -13.58 4.45 14.14
CA ASP A 309 -12.68 3.41 13.67
C ASP A 309 -11.36 4.00 13.26
N TYR A 310 -11.09 5.22 13.70
CA TYR A 310 -9.82 5.83 13.36
C TYR A 310 -8.72 4.98 13.99
N PRO A 311 -7.69 4.56 13.24
CA PRO A 311 -6.80 3.50 13.65
C PRO A 311 -5.63 3.90 14.55
N PHE A 312 -5.30 5.18 14.48
CA PHE A 312 -4.07 5.70 15.09
C PHE A 312 -4.08 6.28 16.50
N HIS A 313 -5.13 6.06 17.27
CA HIS A 313 -5.11 6.49 18.64
C HIS A 313 -4.52 5.35 19.46
N GLU A 314 -4.55 4.15 18.90
CA GLU A 314 -4.02 2.96 19.54
C GLU A 314 -2.51 2.98 19.38
N GLU A 315 -1.78 2.30 20.27
CA GLU A 315 -0.32 2.19 20.22
C GLU A 315 0.17 1.64 18.89
N TYR A 316 -0.52 0.59 18.42
CA TYR A 316 -0.20 -0.11 17.21
C TYR A 316 -1.41 -0.98 16.92
#